data_4CAV
#
_entry.id   4CAV
#
_cell.length_a   55.430
_cell.length_b   57.011
_cell.length_c   143.388
_cell.angle_alpha   90.00
_cell.angle_beta   90.00
_cell.angle_gamma   90.00
#
_symmetry.space_group_name_H-M   'P 21 21 21'
#
loop_
_entity.id
_entity.type
_entity.pdbx_description
1 polymer 'GLYCYLPEPTIDE N-TETRADECANOYLTRANSFERASE'
2 non-polymer 'CHLORIDE ION'
3 non-polymer 3-[[3-methyl-2-[[2,3,4-tris(fluoranyl)phenoxy]methyl]-1-benzofuran-4-yl]oxy]-N-(pyridin-3-ylmethyl)propan-1-amine
4 non-polymer TETRADECANOYL-COA
5 water water
#
_entity_poly.entity_id   1
_entity_poly.type   'polypeptide(L)'
_entity_poly.pdbx_seq_one_letter_code
;GPRSQTQPVPRFDETSTDTGGPIKIIDPEKVSKEPDALLEGFEWATLDLTNETELQELWDLLTYHYVEDDNAMFRFRYSQ
SFLHWALMSPGWKKEWHVGVRATKSRKLVASICGVPTEINVRNQKLKVVEINFLCIHKKLRSKRLTPVLIKEITRRCYLN
GIYQAIYTAGVVLPTPVSSCRYYHRPLDWLKLYEVGFSPLPAGSTKARQITKNHLPSTTSTPGLRPMEPKDIDTVHDLLQ
RYLSRFALNQAFTREEVDHWLVHKPETVKEQVVWAYVVEDPETHKITDFFSFYNLESTVIQNPKHDNVRAAYLYYYATET
AFTNNMKALKERLLMLMNDALILAKKAHFDVFNALTLHDNPLFLEQLKFGAGDGQLHFYLYNYRTAPVPGGVNEKNLPDE
KRMGGVGIVML
;
_entity_poly.pdbx_strand_id   A
#
# COMPACT_ATOMS: atom_id res chain seq x y z
N GLY A 20 -24.12 9.70 -0.92
CA GLY A 20 -22.98 10.45 -0.25
C GLY A 20 -22.61 11.59 -1.16
N GLY A 21 -21.46 12.23 -0.90
CA GLY A 21 -21.14 13.43 -1.66
C GLY A 21 -20.14 14.28 -0.91
N PRO A 22 -19.64 15.33 -1.56
CA PRO A 22 -18.64 16.15 -0.89
C PRO A 22 -19.21 16.72 0.39
N ILE A 23 -18.33 17.10 1.30
CA ILE A 23 -18.78 17.67 2.56
C ILE A 23 -18.88 19.22 2.44
N LYS A 24 -17.87 19.82 1.81
CA LYS A 24 -17.87 21.23 1.55
C LYS A 24 -17.37 21.49 0.13
N ILE A 25 -17.85 22.60 -0.42
CA ILE A 25 -17.48 23.05 -1.77
C ILE A 25 -16.35 24.05 -1.59
N ILE A 26 -15.34 23.91 -2.43
CA ILE A 26 -14.17 24.80 -2.42
C ILE A 26 -14.26 25.74 -3.63
N ASP A 27 -14.07 27.02 -3.38
CA ASP A 27 -13.81 27.94 -4.48
C ASP A 27 -12.29 28.20 -4.64
N PRO A 28 -11.67 27.65 -5.72
CA PRO A 28 -10.19 27.67 -5.83
C PRO A 28 -9.66 29.07 -6.13
N GLU A 29 -10.57 30.00 -6.45
CA GLU A 29 -10.18 31.41 -6.61
C GLU A 29 -10.09 32.06 -5.21
N LYS A 30 -10.79 31.52 -4.19
CA LYS A 30 -10.68 32.04 -2.80
C LYS A 30 -9.65 31.30 -1.93
N VAL A 31 -9.01 30.32 -2.53
CA VAL A 31 -7.95 29.58 -1.86
C VAL A 31 -6.65 30.39 -1.81
N SER A 32 -6.07 30.47 -0.61
CA SER A 32 -4.91 31.30 -0.43
C SER A 32 -3.79 30.88 -1.38
N LYS A 33 -3.13 31.90 -1.93
CA LYS A 33 -1.98 31.69 -2.83
C LYS A 33 -0.70 31.56 -2.01
N GLU A 34 -0.77 31.79 -0.71
CA GLU A 34 0.43 31.68 0.15
C GLU A 34 0.14 30.67 1.24
N PRO A 35 1.18 29.92 1.65
CA PRO A 35 0.97 28.89 2.67
C PRO A 35 0.82 29.52 4.04
N ASP A 36 0.24 28.75 4.98
CA ASP A 36 0.19 29.13 6.40
C ASP A 36 1.57 29.20 7.04
N ALA A 37 1.62 29.89 8.20
CA ALA A 37 2.82 30.05 9.05
C ALA A 37 3.33 28.71 9.49
N LEU A 38 4.65 28.60 9.56
CA LEU A 38 5.30 27.43 10.21
C LEU A 38 5.94 27.97 11.46
N LEU A 39 6.20 27.07 12.39
CA LEU A 39 7.12 27.33 13.50
C LEU A 39 8.31 28.16 13.10
N GLU A 40 8.60 29.16 13.92
CA GLU A 40 9.74 30.05 13.68
C GLU A 40 10.99 29.21 13.44
N GLY A 41 11.74 29.58 12.42
CA GLY A 41 12.94 28.82 12.09
C GLY A 41 12.77 27.73 11.05
N PHE A 42 11.54 27.49 10.57
CA PHE A 42 11.30 26.51 9.50
C PHE A 42 10.59 27.14 8.33
N GLU A 43 10.63 26.47 7.17
CA GLU A 43 10.11 27.07 5.96
C GLU A 43 9.62 25.99 5.07
N TRP A 44 8.64 26.35 4.22
CA TRP A 44 8.07 25.35 3.25
C TRP A 44 9.06 25.02 2.18
N ALA A 45 9.02 23.77 1.72
CA ALA A 45 9.92 23.41 0.62
C ALA A 45 9.03 22.66 -0.35
N THR A 46 9.36 22.72 -1.63
CA THR A 46 8.80 21.75 -2.56
C THR A 46 9.95 20.87 -3.00
N LEU A 47 9.82 19.58 -2.79
CA LEU A 47 10.89 18.64 -3.13
C LEU A 47 10.86 18.41 -4.61
N ASP A 48 12.04 18.50 -5.21
CA ASP A 48 12.21 18.05 -6.57
C ASP A 48 12.82 16.66 -6.59
N LEU A 49 11.95 15.64 -6.70
CA LEU A 49 12.45 14.26 -6.66
C LEU A 49 13.12 13.82 -7.95
N THR A 50 13.14 14.68 -8.95
CA THR A 50 13.95 14.35 -10.09
C THR A 50 15.40 14.71 -9.83
N ASN A 51 15.67 15.51 -8.79
CA ASN A 51 17.01 15.95 -8.42
C ASN A 51 17.51 14.91 -7.45
N GLU A 52 18.57 14.20 -7.82
CA GLU A 52 19.11 13.13 -6.95
C GLU A 52 19.40 13.55 -5.51
N THR A 53 20.00 14.71 -5.29
CA THR A 53 20.33 15.12 -3.93
C THR A 53 19.06 15.39 -3.10
N GLU A 54 18.00 15.95 -3.73
CA GLU A 54 16.72 16.15 -3.04
C GLU A 54 15.96 14.87 -2.80
N LEU A 55 15.91 14.00 -3.82
CA LEU A 55 15.47 12.61 -3.56
C LEU A 55 16.18 11.98 -2.36
N GLN A 56 17.49 12.17 -2.30
CA GLN A 56 18.29 11.57 -1.22
C GLN A 56 17.90 12.19 0.06
N GLU A 57 17.56 13.47 0.07
CA GLU A 57 17.14 14.13 1.29
C GLU A 57 15.86 13.56 1.86
N LEU A 58 14.88 13.32 0.97
CA LEU A 58 13.61 12.73 1.38
C LEU A 58 13.87 11.32 1.91
N TRP A 59 14.73 10.60 1.21
CA TRP A 59 14.99 9.20 1.59
C TRP A 59 15.63 9.22 2.97
N ASP A 60 16.57 10.14 3.22
CA ASP A 60 17.25 10.10 4.51
C ASP A 60 16.29 10.45 5.65
N LEU A 61 15.43 11.44 5.40
CA LEU A 61 14.40 11.78 6.39
C LEU A 61 13.52 10.52 6.68
N LEU A 62 13.03 9.87 5.64
CA LEU A 62 12.12 8.75 5.82
C LEU A 62 12.84 7.58 6.52
N THR A 63 14.05 7.33 6.07
CA THR A 63 14.81 6.19 6.60
C THR A 63 14.89 6.25 8.12
N TYR A 64 15.28 7.41 8.67
CA TYR A 64 15.50 7.54 10.11
C TYR A 64 14.33 8.06 10.89
N HIS A 65 13.37 8.65 10.20
CA HIS A 65 12.26 9.28 10.94
C HIS A 65 10.86 8.84 10.63
N TYR A 66 10.66 7.95 9.67
CA TYR A 66 9.36 7.41 9.44
C TYR A 66 9.27 6.19 10.41
N VAL A 67 9.02 6.52 11.67
CA VAL A 67 9.08 5.57 12.74
C VAL A 67 8.35 6.23 13.90
N GLU A 68 7.77 5.41 14.76
CA GLU A 68 6.94 5.95 15.80
C GLU A 68 7.83 6.77 16.75
N ASP A 69 8.98 6.24 17.17
CA ASP A 69 9.93 7.00 18.04
C ASP A 69 11.27 6.28 18.02
N ASP A 70 12.18 6.75 18.89
CA ASP A 70 13.45 6.12 19.16
C ASP A 70 13.47 4.65 19.62
N ASN A 71 12.33 4.14 20.06
CA ASN A 71 12.25 2.81 20.65
C ASN A 71 11.91 1.71 19.63
N ALA A 72 11.64 2.08 18.38
CA ALA A 72 11.15 1.15 17.36
C ALA A 72 12.17 0.07 17.12
N MET A 73 11.70 -1.14 16.88
CA MET A 73 12.63 -2.22 16.61
C MET A 73 12.90 -2.38 15.12
N PHE A 74 12.04 -1.76 14.32
CA PHE A 74 12.11 -1.79 12.83
C PHE A 74 12.05 -0.35 12.24
N ARG A 75 12.75 -0.12 11.13
CA ARG A 75 12.57 1.07 10.31
C ARG A 75 12.42 0.56 8.89
N PHE A 76 11.85 1.38 8.02
CA PHE A 76 11.83 0.99 6.66
C PHE A 76 13.14 1.27 5.98
N ARG A 77 13.44 0.46 4.99
CA ARG A 77 14.53 0.69 4.10
C ARG A 77 13.91 1.02 2.75
N TYR A 78 14.11 2.25 2.33
CA TYR A 78 13.53 2.70 1.09
C TYR A 78 14.62 2.56 0.04
N SER A 79 14.25 2.72 -1.22
CA SER A 79 15.29 2.68 -2.26
C SER A 79 14.82 3.74 -3.20
N GLN A 80 15.72 4.25 -4.04
CA GLN A 80 15.30 5.18 -5.02
C GLN A 80 14.17 4.58 -5.90
N SER A 81 14.24 3.26 -6.18
CA SER A 81 13.27 2.58 -7.02
C SER A 81 11.91 2.60 -6.35
N PHE A 82 11.90 2.41 -5.04
CA PHE A 82 10.62 2.40 -4.37
C PHE A 82 9.97 3.79 -4.38
N LEU A 83 10.80 4.80 -4.09
CA LEU A 83 10.32 6.17 -4.06
C LEU A 83 9.83 6.63 -5.45
N HIS A 84 10.53 6.23 -6.53
CA HIS A 84 10.03 6.55 -7.87
C HIS A 84 8.68 5.91 -8.10
N TRP A 85 8.56 4.67 -7.65
CA TRP A 85 7.32 3.91 -7.93
C TRP A 85 6.18 4.51 -7.09
N ALA A 86 6.48 4.87 -5.85
CA ALA A 86 5.46 5.39 -4.98
C ALA A 86 5.04 6.80 -5.28
N LEU A 87 5.99 7.63 -5.70
CA LEU A 87 5.74 9.09 -5.65
C LEU A 87 5.72 9.69 -7.03
N MET A 88 6.15 8.93 -8.04
CA MET A 88 6.16 9.49 -9.39
C MET A 88 5.30 8.71 -10.38
N SER A 89 4.10 8.43 -9.92
CA SER A 89 3.09 7.72 -10.65
C SER A 89 2.38 8.69 -11.56
N PRO A 90 1.57 8.19 -12.49
CA PRO A 90 1.02 9.03 -13.54
C PRO A 90 0.21 10.25 -13.03
N GLY A 91 0.55 11.42 -13.56
CA GLY A 91 -0.11 12.64 -13.18
C GLY A 91 0.56 13.30 -11.98
N TRP A 92 1.63 12.70 -11.45
CA TRP A 92 2.32 13.22 -10.28
C TRP A 92 2.77 14.66 -10.53
N LYS A 93 2.78 15.45 -9.47
CA LYS A 93 3.20 16.87 -9.53
C LYS A 93 4.20 17.15 -8.45
N LYS A 94 5.27 17.87 -8.80
CA LYS A 94 6.21 18.21 -7.72
C LYS A 94 5.59 19.05 -6.63
N GLU A 95 4.51 19.81 -6.96
CA GLU A 95 3.89 20.71 -5.92
C GLU A 95 3.26 19.84 -4.79
N TRP A 96 2.98 18.60 -5.09
CA TRP A 96 2.43 17.69 -4.10
C TRP A 96 3.50 16.85 -3.41
N HIS A 97 4.78 17.19 -3.62
CA HIS A 97 5.85 16.59 -2.79
C HIS A 97 6.33 17.67 -1.84
N VAL A 98 5.68 17.74 -0.70
CA VAL A 98 5.81 18.85 0.21
C VAL A 98 6.86 18.56 1.30
N GLY A 99 7.69 19.55 1.54
CA GLY A 99 8.67 19.50 2.56
C GLY A 99 8.63 20.69 3.48
N VAL A 100 9.34 20.52 4.60
CA VAL A 100 9.61 21.62 5.52
C VAL A 100 11.08 21.53 5.78
N ARG A 101 11.77 22.67 5.72
CA ARG A 101 13.18 22.65 6.03
C ARG A 101 13.45 23.51 7.23
N ALA A 102 14.51 23.19 7.99
CA ALA A 102 15.06 24.19 8.93
C ALA A 102 15.73 25.30 8.13
N THR A 103 15.47 26.54 8.49
CA THR A 103 15.88 27.65 7.64
C THR A 103 17.39 27.78 7.64
N LYS A 104 17.95 27.67 8.83
CA LYS A 104 19.34 27.96 8.99
C LYS A 104 20.19 26.78 8.44
N SER A 105 19.94 25.55 8.88
CA SER A 105 20.72 24.41 8.38
C SER A 105 20.31 23.90 7.01
N ARG A 106 19.13 24.29 6.53
CA ARG A 106 18.58 23.71 5.31
C ARG A 106 18.13 22.26 5.42
N LYS A 107 18.24 21.65 6.62
CA LYS A 107 17.89 20.22 6.72
C LYS A 107 16.39 20.00 6.50
N LEU A 108 16.04 18.95 5.77
CA LEU A 108 14.66 18.61 5.52
C LEU A 108 14.17 17.91 6.79
N VAL A 109 13.13 18.46 7.43
CA VAL A 109 12.63 17.93 8.73
C VAL A 109 11.21 17.36 8.70
N ALA A 110 10.56 17.52 7.57
CA ALA A 110 9.26 16.89 7.42
C ALA A 110 8.85 16.78 6.00
N SER A 111 7.83 15.94 5.78
CA SER A 111 7.29 15.72 4.44
C SER A 111 5.86 15.34 4.51
N ILE A 112 5.18 15.48 3.38
CA ILE A 112 3.86 14.93 3.19
C ILE A 112 3.66 14.91 1.71
N CYS A 113 3.08 13.81 1.17
CA CYS A 113 3.05 13.73 -0.31
C CYS A 113 1.65 13.33 -0.80
N GLY A 114 1.27 13.75 -2.03
CA GLY A 114 0.16 13.21 -2.69
C GLY A 114 0.47 12.86 -4.15
N VAL A 115 -0.29 11.89 -4.66
CA VAL A 115 -0.31 11.59 -6.12
C VAL A 115 -1.75 11.43 -6.51
N PRO A 116 -2.05 11.75 -7.75
CA PRO A 116 -3.46 11.77 -8.07
C PRO A 116 -3.95 10.42 -8.63
N THR A 117 -5.25 10.12 -8.45
CA THR A 117 -5.85 8.99 -9.09
C THR A 117 -7.38 9.20 -9.07
N GLU A 118 -8.09 8.28 -9.70
CA GLU A 118 -9.54 8.34 -9.74
C GLU A 118 -10.06 7.16 -8.93
N ILE A 119 -11.03 7.41 -8.10
CA ILE A 119 -11.65 6.29 -7.35
C ILE A 119 -13.14 6.32 -7.65
N ASN A 120 -13.76 5.17 -7.41
CA ASN A 120 -15.18 5.12 -7.43
C ASN A 120 -15.66 4.96 -5.97
N VAL A 121 -16.63 5.78 -5.58
CA VAL A 121 -17.17 5.70 -4.24
C VAL A 121 -18.70 5.49 -4.41
N ARG A 122 -19.09 4.23 -4.25
CA ARG A 122 -20.48 3.76 -4.48
C ARG A 122 -21.08 4.25 -5.78
N ASN A 123 -20.34 3.97 -6.85
CA ASN A 123 -20.72 4.36 -8.19
C ASN A 123 -20.54 5.84 -8.57
N GLN A 124 -19.93 6.66 -7.71
CA GLN A 124 -19.65 8.07 -8.05
C GLN A 124 -18.17 8.06 -8.32
N LYS A 125 -17.80 8.51 -9.52
CA LYS A 125 -16.40 8.64 -9.86
C LYS A 125 -15.87 9.88 -9.17
N LEU A 126 -14.63 9.84 -8.66
CA LEU A 126 -14.06 10.94 -7.87
C LEU A 126 -12.60 11.10 -8.18
N LYS A 127 -12.17 12.33 -8.51
CA LYS A 127 -10.76 12.56 -8.68
C LYS A 127 -10.25 12.88 -7.32
N VAL A 128 -9.16 12.23 -6.94
CA VAL A 128 -8.55 12.39 -5.58
C VAL A 128 -7.06 12.48 -5.63
N VAL A 129 -6.46 12.83 -4.50
CA VAL A 129 -5.11 12.46 -4.31
C VAL A 129 -5.09 11.42 -3.21
N GLU A 130 -4.09 10.54 -3.26
CA GLU A 130 -3.76 9.61 -2.24
C GLU A 130 -2.61 10.28 -1.51
N ILE A 131 -2.78 10.48 -0.21
CA ILE A 131 -1.83 11.22 0.65
C ILE A 131 -1.07 10.15 1.46
N ASN A 132 0.25 10.32 1.53
CA ASN A 132 1.07 9.42 2.30
C ASN A 132 2.46 10.05 2.52
N PHE A 133 3.34 9.31 3.14
CA PHE A 133 4.69 9.84 3.45
C PHE A 133 4.62 11.11 4.30
N LEU A 134 3.59 11.21 5.13
CA LEU A 134 3.61 12.17 6.22
C LEU A 134 4.70 11.74 7.18
N CYS A 135 5.64 12.62 7.46
CA CYS A 135 6.75 12.18 8.26
C CYS A 135 7.33 13.42 8.92
N ILE A 136 7.62 13.34 10.22
CA ILE A 136 8.27 14.45 10.89
C ILE A 136 9.49 13.96 11.61
N HIS A 137 10.57 14.73 11.49
CA HIS A 137 11.81 14.46 12.21
C HIS A 137 11.55 14.11 13.70
N LYS A 138 12.18 13.05 14.18
CA LYS A 138 11.87 12.58 15.54
C LYS A 138 12.03 13.72 16.55
N LYS A 139 12.93 14.67 16.36
CA LYS A 139 13.15 15.64 17.39
C LYS A 139 12.13 16.77 17.28
N LEU A 140 11.21 16.74 16.29
CA LEU A 140 10.22 17.84 16.15
C LEU A 140 8.83 17.35 16.36
N ARG A 141 8.71 16.20 17.04
CA ARG A 141 7.38 15.58 17.28
C ARG A 141 6.66 16.36 18.34
N SER A 142 5.34 16.21 18.38
CA SER A 142 4.43 16.83 19.39
C SER A 142 4.44 18.30 19.32
N LYS A 143 4.79 18.91 18.18
CA LYS A 143 4.69 20.34 18.02
C LYS A 143 3.49 20.77 17.11
N ARG A 144 2.61 19.82 16.78
CA ARG A 144 1.43 20.03 15.97
C ARG A 144 1.79 20.56 14.62
N LEU A 145 2.91 20.08 14.12
CA LEU A 145 3.23 20.43 12.76
C LEU A 145 2.32 19.60 11.83
N THR A 146 1.86 18.44 12.27
CA THR A 146 1.04 17.56 11.37
C THR A 146 -0.19 18.32 10.73
N PRO A 147 -1.03 18.98 11.55
CA PRO A 147 -2.15 19.65 10.88
C PRO A 147 -1.71 20.74 9.90
N VAL A 148 -0.54 21.36 10.16
CA VAL A 148 0.00 22.39 9.33
C VAL A 148 0.41 21.75 8.02
N LEU A 149 1.10 20.59 8.07
CA LEU A 149 1.45 19.86 6.82
C LEU A 149 0.19 19.44 6.04
N ILE A 150 -0.81 18.99 6.72
CA ILE A 150 -2.07 18.51 6.05
C ILE A 150 -2.77 19.69 5.43
N LYS A 151 -2.90 20.78 6.19
CA LYS A 151 -3.58 22.00 5.62
C LYS A 151 -2.85 22.53 4.36
N GLU A 152 -1.51 22.53 4.41
CA GLU A 152 -0.72 22.98 3.26
C GLU A 152 -0.86 22.10 1.99
N ILE A 153 -0.77 20.78 2.12
CA ILE A 153 -0.93 19.96 0.93
C ILE A 153 -2.38 20.04 0.45
N THR A 154 -3.30 20.19 1.42
CA THR A 154 -4.68 20.46 1.07
C THR A 154 -4.76 21.71 0.18
N ARG A 155 -4.13 22.79 0.63
CA ARG A 155 -4.14 24.04 -0.10
C ARG A 155 -3.59 23.81 -1.56
N ARG A 156 -2.51 23.06 -1.67
CA ARG A 156 -1.83 22.82 -2.97
C ARG A 156 -2.66 21.91 -3.89
N CYS A 157 -3.50 21.08 -3.32
CA CYS A 157 -4.43 20.26 -4.11
C CYS A 157 -5.60 21.11 -4.55
N TYR A 158 -6.14 21.93 -3.65
CA TYR A 158 -7.29 22.82 -3.97
C TYR A 158 -6.93 23.75 -5.13
N LEU A 159 -5.73 24.32 -5.07
CA LEU A 159 -5.24 25.18 -6.15
C LEU A 159 -5.09 24.42 -7.47
N ASN A 160 -5.04 23.08 -7.39
CA ASN A 160 -4.69 22.30 -8.54
C ASN A 160 -5.69 21.30 -8.98
N GLY A 161 -6.97 21.61 -8.82
CA GLY A 161 -8.04 20.81 -9.30
C GLY A 161 -8.66 19.75 -8.37
N ILE A 162 -8.19 19.62 -7.12
CA ILE A 162 -8.50 18.38 -6.37
C ILE A 162 -9.02 18.74 -5.00
N TYR A 163 -10.22 18.28 -4.65
CA TYR A 163 -10.84 18.68 -3.40
C TYR A 163 -11.19 17.52 -2.50
N GLN A 164 -10.76 16.31 -2.87
CA GLN A 164 -11.02 15.08 -2.11
C GLN A 164 -9.72 14.31 -2.07
N ALA A 165 -9.51 13.51 -1.03
CA ALA A 165 -8.30 12.63 -0.96
C ALA A 165 -8.73 11.35 -0.27
N ILE A 166 -7.85 10.36 -0.41
CA ILE A 166 -8.04 9.06 0.19
C ILE A 166 -6.71 8.81 0.85
N TYR A 167 -6.75 8.19 2.04
CA TYR A 167 -5.48 7.87 2.67
C TYR A 167 -5.77 6.84 3.77
N THR A 168 -4.72 6.15 4.20
CA THR A 168 -4.90 5.22 5.28
C THR A 168 -4.10 5.77 6.47
N ALA A 169 -4.44 5.36 7.68
CA ALA A 169 -3.54 5.63 8.80
C ALA A 169 -3.92 4.57 9.84
N GLY A 170 -2.98 4.25 10.69
CA GLY A 170 -3.22 3.44 11.87
C GLY A 170 -3.86 4.27 12.99
N VAL A 171 -3.71 5.57 12.94
CA VAL A 171 -4.20 6.43 14.00
C VAL A 171 -5.72 6.56 13.84
N VAL A 172 -6.39 6.64 14.96
CA VAL A 172 -7.85 6.76 15.02
C VAL A 172 -8.21 8.18 14.79
N LEU A 173 -8.69 8.44 13.59
CA LEU A 173 -9.19 9.73 13.20
C LEU A 173 -10.71 9.60 13.04
N PRO A 174 -11.44 10.72 13.06
CA PRO A 174 -12.88 10.62 12.89
C PRO A 174 -13.33 9.98 11.56
N THR A 175 -14.47 9.34 11.65
CA THR A 175 -15.24 8.89 10.48
C THR A 175 -14.36 8.07 9.44
N PRO A 176 -13.65 7.02 9.87
CA PRO A 176 -13.07 6.10 8.88
C PRO A 176 -14.12 5.53 7.91
N VAL A 177 -13.82 5.48 6.60
CA VAL A 177 -14.69 4.87 5.62
C VAL A 177 -14.61 3.33 5.73
N SER A 178 -13.46 2.82 6.15
CA SER A 178 -13.37 1.39 6.43
C SER A 178 -12.17 1.11 7.34
N SER A 179 -12.09 -0.14 7.83
CA SER A 179 -10.95 -0.54 8.62
C SER A 179 -10.68 -1.99 8.23
N CYS A 180 -9.41 -2.28 8.08
CA CYS A 180 -8.98 -3.59 7.63
C CYS A 180 -7.94 -4.08 8.60
N ARG A 181 -7.91 -5.39 8.83
CA ARG A 181 -6.87 -5.94 9.70
C ARG A 181 -5.60 -6.34 8.92
N TYR A 182 -4.45 -6.13 9.58
CA TYR A 182 -3.15 -6.61 9.09
C TYR A 182 -3.01 -8.09 9.23
N TYR A 183 -2.43 -8.72 8.20
CA TYR A 183 -2.11 -10.18 8.25
C TYR A 183 -0.69 -10.36 7.73
N HIS A 184 0.00 -11.41 8.17
CA HIS A 184 1.40 -11.62 7.85
C HIS A 184 1.61 -13.08 7.64
N ARG A 185 2.02 -13.47 6.43
CA ARG A 185 2.29 -14.89 6.15
C ARG A 185 3.81 -15.06 6.26
N PRO A 186 4.30 -15.79 7.31
CA PRO A 186 5.75 -16.12 7.47
C PRO A 186 6.22 -16.92 6.25
N LEU A 187 7.29 -16.43 5.59
CA LEU A 187 7.95 -17.17 4.56
C LEU A 187 9.27 -17.74 5.10
N ASP A 188 9.98 -16.96 5.94
CA ASP A 188 11.10 -17.50 6.71
C ASP A 188 10.70 -17.25 8.14
N TRP A 189 9.93 -18.19 8.71
CA TRP A 189 9.43 -18.00 10.09
C TRP A 189 10.58 -17.77 11.10
N LEU A 190 11.62 -18.57 10.98
CA LEU A 190 12.73 -18.51 11.95
C LEU A 190 13.33 -17.12 11.99
N LYS A 191 13.55 -16.53 10.84
CA LYS A 191 14.05 -15.19 10.81
C LYS A 191 13.08 -14.21 11.50
N LEU A 192 11.81 -14.37 11.25
CA LEU A 192 10.81 -13.48 11.83
C LEU A 192 10.72 -13.64 13.34
N TYR A 193 10.92 -14.88 13.80
CA TYR A 193 11.03 -15.13 15.24
C TYR A 193 12.30 -14.47 15.85
N GLU A 194 13.42 -14.63 15.15
CA GLU A 194 14.70 -14.12 15.63
C GLU A 194 14.81 -12.62 15.74
N VAL A 195 14.04 -11.92 14.91
CA VAL A 195 14.02 -10.46 14.95
C VAL A 195 12.88 -9.97 15.85
N GLY A 196 12.16 -10.89 16.48
CA GLY A 196 11.15 -10.60 17.48
C GLY A 196 9.80 -10.24 16.91
N PHE A 197 9.58 -10.54 15.63
CA PHE A 197 8.29 -10.19 15.01
C PHE A 197 7.26 -11.30 15.26
N SER A 198 7.63 -12.56 15.00
CA SER A 198 6.67 -13.65 15.07
C SER A 198 6.87 -14.32 16.41
N PRO A 199 5.77 -14.54 17.18
CA PRO A 199 5.92 -15.16 18.46
C PRO A 199 6.05 -16.66 18.30
N LEU A 200 6.57 -17.32 19.31
CA LEU A 200 6.52 -18.77 19.35
C LEU A 200 5.32 -19.12 20.23
N PRO A 201 4.28 -19.73 19.65
CA PRO A 201 3.13 -20.11 20.49
C PRO A 201 3.47 -21.08 21.62
N ALA A 202 2.73 -21.02 22.73
CA ALA A 202 2.40 -22.32 23.42
C ALA A 202 3.44 -23.23 23.96
N GLY A 203 3.11 -24.48 23.78
CA GLY A 203 4.06 -25.53 23.86
C GLY A 203 4.28 -25.78 22.38
N SER A 204 4.51 -24.75 21.58
CA SER A 204 5.12 -25.01 20.26
C SER A 204 6.65 -24.98 20.32
N THR A 205 7.28 -25.26 19.18
CA THR A 205 8.75 -25.22 19.09
C THR A 205 9.09 -24.50 17.79
N LYS A 206 10.33 -24.05 17.65
CA LYS A 206 10.69 -23.44 16.38
C LYS A 206 10.48 -24.39 15.19
N ALA A 207 10.89 -25.65 15.34
CA ALA A 207 10.76 -26.63 14.26
C ALA A 207 9.30 -26.80 13.83
N ARG A 208 8.40 -26.88 14.81
CA ARG A 208 6.97 -26.93 14.48
C ARG A 208 6.49 -25.73 13.73
N GLN A 209 6.97 -24.53 14.08
CA GLN A 209 6.48 -23.38 13.35
C GLN A 209 7.11 -23.41 11.94
N ILE A 210 8.36 -23.92 11.85
CA ILE A 210 9.02 -23.98 10.52
C ILE A 210 8.26 -24.97 9.58
N THR A 211 7.93 -26.13 10.12
CA THR A 211 7.11 -27.12 9.39
C THR A 211 5.76 -26.46 9.00
N LYS A 212 5.11 -25.76 9.95
CA LYS A 212 3.76 -25.20 9.69
C LYS A 212 3.77 -24.27 8.50
N ASN A 213 4.84 -23.50 8.39
CA ASN A 213 4.98 -22.53 7.30
C ASN A 213 5.67 -22.98 6.00
N HIS A 214 6.09 -24.25 5.91
CA HIS A 214 6.85 -24.73 4.76
C HIS A 214 6.01 -24.65 3.50
N LEU A 215 6.53 -24.13 2.41
CA LEU A 215 5.71 -24.00 1.20
C LEU A 215 6.21 -24.96 0.13
N PRO A 216 5.34 -25.34 -0.81
CA PRO A 216 5.76 -26.01 -2.03
C PRO A 216 6.83 -25.22 -2.82
N SER A 217 7.63 -25.90 -3.64
CA SER A 217 8.73 -25.24 -4.35
C SER A 217 8.32 -24.78 -5.73
N THR A 218 7.17 -25.23 -6.20
CA THR A 218 6.75 -24.89 -7.53
C THR A 218 5.30 -24.44 -7.52
N THR A 219 4.94 -23.51 -8.42
CA THR A 219 3.58 -23.06 -8.55
C THR A 219 2.65 -24.14 -9.14
N SER A 220 1.35 -23.93 -8.98
CA SER A 220 0.33 -24.87 -9.45
C SER A 220 -0.62 -24.37 -10.52
N THR A 221 -0.84 -23.07 -10.62
CA THR A 221 -1.87 -22.58 -11.49
C THR A 221 -1.41 -22.72 -12.92
N PRO A 222 -2.16 -23.52 -13.73
CA PRO A 222 -1.73 -23.73 -15.11
C PRO A 222 -1.64 -22.39 -15.78
N GLY A 223 -0.56 -22.13 -16.49
CA GLY A 223 -0.41 -20.92 -17.28
C GLY A 223 0.16 -19.70 -16.56
N LEU A 224 0.48 -19.89 -15.28
CA LEU A 224 1.15 -18.82 -14.49
C LEU A 224 2.50 -18.44 -15.08
N ARG A 225 2.68 -17.15 -15.30
CA ARG A 225 3.91 -16.58 -15.82
C ARG A 225 4.03 -15.12 -15.35
N PRO A 226 5.29 -14.61 -15.28
CA PRO A 226 5.44 -13.15 -15.04
C PRO A 226 4.59 -12.37 -16.07
N MET A 227 3.98 -11.28 -15.62
CA MET A 227 3.28 -10.34 -16.47
C MET A 227 4.29 -9.74 -17.43
N GLU A 228 3.86 -9.40 -18.63
CA GLU A 228 4.73 -8.77 -19.63
C GLU A 228 4.00 -7.52 -20.06
N PRO A 229 4.74 -6.56 -20.68
CA PRO A 229 4.04 -5.37 -21.12
C PRO A 229 2.89 -5.65 -22.06
N LYS A 230 3.00 -6.71 -22.86
CA LYS A 230 1.86 -7.09 -23.70
C LYS A 230 0.56 -7.44 -22.97
N ASP A 231 0.64 -7.70 -21.65
CA ASP A 231 -0.56 -7.98 -20.82
C ASP A 231 -1.30 -6.76 -20.24
N ILE A 232 -0.81 -5.55 -20.53
CA ILE A 232 -1.26 -4.37 -19.81
C ILE A 232 -2.74 -4.23 -20.07
N ASP A 233 -3.13 -4.38 -21.34
CA ASP A 233 -4.50 -4.06 -21.71
C ASP A 233 -5.52 -5.00 -21.10
N THR A 234 -5.25 -6.28 -21.17
CA THR A 234 -6.15 -7.30 -20.67
C THR A 234 -6.15 -7.28 -19.13
N VAL A 235 -4.98 -7.11 -18.51
CA VAL A 235 -4.91 -6.93 -17.01
C VAL A 235 -5.69 -5.68 -16.60
N HIS A 236 -5.54 -4.58 -17.35
CA HIS A 236 -6.26 -3.32 -17.02
C HIS A 236 -7.77 -3.60 -17.03
N ASP A 237 -8.25 -4.31 -18.06
CA ASP A 237 -9.65 -4.58 -18.20
C ASP A 237 -10.18 -5.52 -17.14
N LEU A 238 -9.44 -6.55 -16.84
CA LEU A 238 -9.85 -7.54 -15.86
C LEU A 238 -9.91 -6.91 -14.47
N LEU A 239 -8.89 -6.10 -14.17
CA LEU A 239 -8.77 -5.47 -12.88
C LEU A 239 -9.92 -4.50 -12.67
N GLN A 240 -10.25 -3.75 -13.72
CA GLN A 240 -11.37 -2.82 -13.70
C GLN A 240 -12.66 -3.60 -13.43
N ARG A 241 -12.87 -4.70 -14.14
CA ARG A 241 -14.14 -5.35 -13.95
C ARG A 241 -14.23 -5.91 -12.51
N TYR A 242 -13.09 -6.45 -12.04
CA TYR A 242 -13.01 -7.03 -10.71
C TYR A 242 -13.21 -5.92 -9.61
N LEU A 243 -12.50 -4.80 -9.71
CA LEU A 243 -12.54 -3.79 -8.67
C LEU A 243 -13.89 -3.08 -8.68
N SER A 244 -14.58 -3.12 -9.82
CA SER A 244 -15.82 -2.34 -9.93
C SER A 244 -16.92 -2.95 -9.08
N ARG A 245 -16.68 -4.20 -8.71
CA ARG A 245 -17.53 -5.02 -7.83
C ARG A 245 -17.53 -4.46 -6.36
N PHE A 246 -16.50 -3.68 -6.00
CA PHE A 246 -16.31 -3.18 -4.63
C PHE A 246 -16.89 -1.75 -4.48
N ALA A 247 -17.56 -1.47 -3.34
CA ALA A 247 -18.19 -0.21 -3.08
C ALA A 247 -17.21 1.00 -3.27
N LEU A 248 -15.97 0.81 -2.85
CA LEU A 248 -14.96 1.86 -2.83
C LEU A 248 -13.83 1.26 -3.61
N ASN A 249 -13.45 1.84 -4.75
CA ASN A 249 -12.41 1.12 -5.52
C ASN A 249 -11.61 2.06 -6.36
N GLN A 250 -10.46 1.61 -6.85
CA GLN A 250 -9.59 2.45 -7.62
C GLN A 250 -9.88 2.18 -9.11
N ALA A 251 -10.00 3.24 -9.90
CA ALA A 251 -10.28 3.10 -11.31
C ALA A 251 -8.99 3.38 -12.04
N PHE A 252 -8.12 2.38 -12.10
CA PHE A 252 -6.86 2.55 -12.80
C PHE A 252 -7.07 2.96 -14.26
N THR A 253 -6.20 3.82 -14.74
CA THR A 253 -6.05 4.05 -16.18
C THR A 253 -5.00 3.01 -16.68
N ARG A 254 -4.83 2.92 -18.01
CA ARG A 254 -3.80 2.07 -18.62
C ARG A 254 -2.41 2.49 -18.16
N GLU A 255 -2.17 3.79 -18.10
CA GLU A 255 -0.89 4.36 -17.64
C GLU A 255 -0.58 3.92 -16.20
N GLU A 256 -1.62 3.90 -15.37
CA GLU A 256 -1.44 3.43 -14.01
C GLU A 256 -1.03 1.97 -13.95
N VAL A 257 -1.65 1.15 -14.78
CA VAL A 257 -1.33 -0.25 -14.79
C VAL A 257 0.15 -0.35 -15.22
N ASP A 258 0.55 0.34 -16.27
CA ASP A 258 1.93 0.29 -16.67
C ASP A 258 2.85 0.77 -15.53
N HIS A 259 2.55 1.93 -14.94
CA HIS A 259 3.42 2.39 -13.87
C HIS A 259 3.47 1.41 -12.69
N TRP A 260 2.29 1.07 -12.15
CA TRP A 260 2.33 0.45 -10.82
C TRP A 260 2.60 -1.03 -10.94
N LEU A 261 2.28 -1.63 -12.09
CA LEU A 261 2.24 -3.11 -12.18
C LEU A 261 3.35 -3.72 -13.03
N VAL A 262 3.92 -2.94 -13.94
CA VAL A 262 4.99 -3.49 -14.84
C VAL A 262 6.38 -2.99 -14.57
N HIS A 263 7.13 -3.89 -13.96
CA HIS A 263 8.52 -3.68 -13.67
C HIS A 263 9.23 -3.39 -14.99
N LYS A 264 10.14 -2.42 -14.91
CA LYS A 264 10.91 -1.98 -16.08
C LYS A 264 12.41 -2.22 -15.72
N PRO A 265 12.96 -3.43 -16.00
CA PRO A 265 14.34 -3.75 -15.60
C PRO A 265 15.40 -2.83 -16.20
N GLU A 266 15.09 -2.09 -17.28
CA GLU A 266 16.05 -1.14 -17.90
C GLU A 266 16.29 0.08 -17.04
N THR A 267 15.25 0.46 -16.29
CA THR A 267 15.16 1.78 -15.76
C THR A 267 14.95 1.71 -14.23
N VAL A 268 14.48 0.58 -13.76
CA VAL A 268 14.30 0.39 -12.33
C VAL A 268 15.45 -0.49 -11.82
N LYS A 269 16.33 0.10 -11.03
CA LYS A 269 17.53 -0.57 -10.54
C LYS A 269 17.28 -1.68 -9.54
N GLU A 270 16.27 -1.49 -8.68
CA GLU A 270 15.91 -2.53 -7.73
C GLU A 270 14.44 -2.76 -7.86
N GLN A 271 14.08 -3.95 -8.33
CA GLN A 271 12.68 -4.26 -8.60
C GLN A 271 11.81 -4.00 -7.37
N VAL A 272 10.67 -3.34 -7.61
CA VAL A 272 9.68 -3.05 -6.55
C VAL A 272 8.41 -3.87 -6.74
N VAL A 273 7.87 -3.96 -7.95
CA VAL A 273 6.63 -4.71 -8.16
C VAL A 273 6.92 -6.06 -8.82
N TRP A 274 6.32 -7.12 -8.25
CA TRP A 274 6.29 -8.47 -8.87
C TRP A 274 4.82 -8.67 -9.35
N ALA A 275 4.59 -8.85 -10.64
CA ALA A 275 3.23 -9.10 -11.15
C ALA A 275 3.27 -10.39 -11.99
N TYR A 276 2.18 -11.17 -11.92
CA TYR A 276 2.07 -12.48 -12.56
C TYR A 276 0.72 -12.61 -13.12
N VAL A 277 0.61 -13.25 -14.29
CA VAL A 277 -0.68 -13.44 -14.92
C VAL A 277 -0.86 -14.92 -15.19
N VAL A 278 -2.11 -15.26 -15.46
CA VAL A 278 -2.47 -16.64 -15.82
C VAL A 278 -2.96 -16.55 -17.24
N GLU A 279 -2.15 -17.11 -18.12
CA GLU A 279 -2.53 -17.20 -19.51
C GLU A 279 -3.24 -18.53 -19.69
N ASP A 280 -4.50 -18.50 -20.07
CA ASP A 280 -5.24 -19.78 -20.20
C ASP A 280 -4.50 -20.69 -21.17
N PRO A 281 -4.24 -21.94 -20.78
CA PRO A 281 -3.51 -22.81 -21.71
C PRO A 281 -4.26 -23.06 -23.04
N GLU A 282 -5.60 -23.16 -22.99
CA GLU A 282 -6.43 -23.38 -24.20
C GLU A 282 -6.72 -22.10 -24.92
N THR A 283 -7.05 -21.05 -24.19
CA THR A 283 -7.52 -19.84 -24.86
C THR A 283 -6.43 -18.78 -25.07
N HIS A 284 -5.32 -18.88 -24.33
CA HIS A 284 -4.26 -17.83 -24.28
C HIS A 284 -4.70 -16.43 -23.77
N LYS A 285 -5.93 -16.39 -23.27
CA LYS A 285 -6.44 -15.19 -22.68
C LYS A 285 -5.94 -15.18 -21.23
N ILE A 286 -5.62 -14.01 -20.74
CA ILE A 286 -5.24 -13.95 -19.35
C ILE A 286 -6.51 -13.99 -18.45
N THR A 287 -6.57 -14.97 -17.56
CA THR A 287 -7.80 -15.20 -16.80
C THR A 287 -7.69 -14.77 -15.34
N ASP A 288 -6.44 -14.50 -14.90
CA ASP A 288 -6.18 -14.06 -13.51
C ASP A 288 -4.86 -13.30 -13.49
N PHE A 289 -4.69 -12.43 -12.51
CA PHE A 289 -3.33 -11.98 -12.24
C PHE A 289 -3.22 -11.65 -10.76
N PHE A 290 -2.01 -11.57 -10.23
CA PHE A 290 -1.81 -10.98 -8.91
C PHE A 290 -0.47 -10.25 -8.89
N SER A 291 -0.23 -9.49 -7.84
CA SER A 291 1.01 -8.73 -7.72
C SER A 291 1.28 -8.46 -6.28
N PHE A 292 2.56 -8.24 -6.01
CA PHE A 292 2.99 -7.79 -4.69
C PHE A 292 4.22 -6.93 -4.83
N TYR A 293 4.40 -6.04 -3.87
CA TYR A 293 5.55 -5.14 -3.92
C TYR A 293 6.49 -5.40 -2.77
N ASN A 294 7.72 -5.01 -2.99
CA ASN A 294 8.79 -5.18 -2.04
C ASN A 294 8.98 -3.88 -1.27
N LEU A 295 8.88 -3.94 0.04
CA LEU A 295 9.37 -2.86 0.89
C LEU A 295 10.06 -3.49 2.03
N GLU A 296 11.35 -3.25 2.10
CA GLU A 296 12.15 -3.85 3.12
C GLU A 296 12.08 -3.16 4.47
N SER A 297 12.14 -3.93 5.55
CA SER A 297 12.33 -3.38 6.90
C SER A 297 13.76 -3.55 7.43
N THR A 298 14.32 -2.48 7.98
CA THR A 298 15.56 -2.58 8.69
C THR A 298 15.30 -3.06 10.09
N VAL A 299 16.15 -3.99 10.51
CA VAL A 299 16.03 -4.56 11.84
C VAL A 299 17.08 -3.81 12.65
N ILE A 300 16.63 -3.11 13.70
CA ILE A 300 17.58 -2.29 14.47
C ILE A 300 18.33 -3.09 15.51
N GLN A 301 19.66 -3.10 15.43
CA GLN A 301 20.59 -3.69 16.41
C GLN A 301 20.22 -5.10 16.87
N ASN A 302 19.93 -5.97 15.90
CA ASN A 302 19.74 -7.39 16.14
C ASN A 302 21.02 -8.09 15.67
N PRO A 303 21.64 -8.88 16.53
CA PRO A 303 22.91 -9.47 16.15
C PRO A 303 22.79 -10.57 15.07
N LYS A 304 21.59 -11.11 14.81
CA LYS A 304 21.38 -12.14 13.75
C LYS A 304 20.97 -11.62 12.35
N HIS A 305 20.27 -10.48 12.31
CA HIS A 305 19.67 -10.05 11.08
C HIS A 305 19.71 -8.53 11.00
N ASP A 306 19.89 -7.98 9.83
CA ASP A 306 19.54 -6.58 9.81
C ASP A 306 18.48 -6.14 8.87
N ASN A 307 17.84 -7.04 8.15
CA ASN A 307 16.64 -6.59 7.44
C ASN A 307 15.64 -7.70 7.41
N VAL A 308 14.39 -7.36 7.15
CA VAL A 308 13.33 -8.32 6.85
C VAL A 308 12.85 -7.90 5.48
N ARG A 309 12.95 -8.83 4.55
CA ARG A 309 12.44 -8.60 3.24
C ARG A 309 10.91 -8.89 3.17
N ALA A 310 10.11 -7.82 3.16
CA ALA A 310 8.66 -8.02 3.17
C ALA A 310 8.10 -7.80 1.79
N ALA A 311 7.17 -8.67 1.39
CA ALA A 311 6.41 -8.51 0.18
C ALA A 311 5.00 -8.07 0.68
N TYR A 312 4.33 -7.18 -0.02
CA TYR A 312 3.02 -6.73 0.37
C TYR A 312 2.09 -7.08 -0.77
N LEU A 313 1.04 -7.83 -0.50
CA LEU A 313 0.10 -8.12 -1.56
C LEU A 313 -0.50 -6.82 -2.10
N TYR A 314 -0.55 -6.70 -3.43
CA TYR A 314 -1.05 -5.50 -4.09
C TYR A 314 -2.32 -5.88 -4.83
N TYR A 315 -2.43 -5.55 -6.10
CA TYR A 315 -3.63 -5.84 -6.83
C TYR A 315 -3.64 -7.21 -7.45
N TYR A 316 -4.85 -7.74 -7.55
CA TYR A 316 -5.12 -9.00 -8.22
C TYR A 316 -6.52 -9.00 -8.76
N ALA A 317 -6.80 -9.99 -9.64
CA ALA A 317 -8.12 -10.12 -10.24
C ALA A 317 -8.25 -11.49 -10.84
N THR A 318 -9.49 -11.97 -10.91
CA THR A 318 -9.72 -13.29 -11.56
C THR A 318 -11.08 -13.33 -12.20
N GLU A 319 -11.12 -13.92 -13.38
CA GLU A 319 -12.38 -14.16 -14.08
C GLU A 319 -13.32 -15.03 -13.28
N THR A 320 -12.82 -15.81 -12.32
CA THR A 320 -13.77 -16.61 -11.58
C THR A 320 -14.71 -15.84 -10.69
N ALA A 321 -14.35 -14.61 -10.35
CA ALA A 321 -15.22 -13.82 -9.52
C ALA A 321 -16.56 -13.58 -10.16
N PHE A 322 -16.63 -13.51 -11.48
CA PHE A 322 -17.85 -13.03 -12.12
C PHE A 322 -18.93 -14.06 -12.22
N THR A 323 -18.58 -15.31 -11.90
CA THR A 323 -19.62 -16.32 -11.76
C THR A 323 -20.52 -16.04 -10.55
N ASN A 324 -20.02 -15.27 -9.57
CA ASN A 324 -20.74 -15.09 -8.27
C ASN A 324 -20.87 -16.39 -7.49
N ASN A 325 -19.94 -17.30 -7.74
CA ASN A 325 -19.86 -18.60 -7.04
C ASN A 325 -18.72 -18.48 -6.01
N MET A 326 -19.09 -18.26 -4.76
CA MET A 326 -18.08 -17.87 -3.76
C MET A 326 -17.14 -19.05 -3.51
N LYS A 327 -17.70 -20.25 -3.54
CA LYS A 327 -16.89 -21.49 -3.43
C LYS A 327 -15.89 -21.63 -4.56
N ALA A 328 -16.30 -21.39 -5.82
CA ALA A 328 -15.33 -21.36 -6.94
C ALA A 328 -14.27 -20.29 -6.70
N LEU A 329 -14.71 -19.13 -6.24
CA LEU A 329 -13.77 -17.99 -6.10
C LEU A 329 -12.72 -18.28 -5.01
N LYS A 330 -13.20 -18.82 -3.89
CA LYS A 330 -12.32 -19.22 -2.81
C LYS A 330 -11.29 -20.23 -3.34
N GLU A 331 -11.78 -21.21 -4.06
CA GLU A 331 -10.91 -22.24 -4.60
C GLU A 331 -9.87 -21.63 -5.53
N ARG A 332 -10.26 -20.72 -6.42
CA ARG A 332 -9.28 -20.14 -7.37
C ARG A 332 -8.26 -19.27 -6.62
N LEU A 333 -8.74 -18.44 -5.67
CA LEU A 333 -7.83 -17.55 -4.87
C LEU A 333 -6.88 -18.35 -3.98
N LEU A 334 -7.34 -19.46 -3.40
CA LEU A 334 -6.43 -20.33 -2.65
C LEU A 334 -5.28 -20.85 -3.47
N MET A 335 -5.57 -21.28 -4.71
CA MET A 335 -4.50 -21.63 -5.64
C MET A 335 -3.59 -20.45 -6.03
N LEU A 336 -4.18 -19.32 -6.41
CA LEU A 336 -3.42 -18.18 -6.93
C LEU A 336 -2.50 -17.65 -5.87
N MET A 337 -3.04 -17.46 -4.65
CA MET A 337 -2.32 -16.78 -3.58
C MET A 337 -1.31 -17.68 -2.99
N ASN A 338 -1.57 -18.99 -3.02
CA ASN A 338 -0.48 -19.90 -2.57
C ASN A 338 0.69 -19.87 -3.55
N ASP A 339 0.39 -19.80 -4.84
CA ASP A 339 1.45 -19.54 -5.85
C ASP A 339 2.19 -18.19 -5.61
N ALA A 340 1.45 -17.15 -5.19
CA ALA A 340 2.09 -15.88 -4.78
C ALA A 340 3.11 -16.09 -3.67
N LEU A 341 2.71 -16.84 -2.65
CA LEU A 341 3.63 -17.13 -1.55
C LEU A 341 4.85 -17.92 -1.98
N ILE A 342 4.59 -18.90 -2.84
CA ILE A 342 5.65 -19.72 -3.33
C ILE A 342 6.63 -18.88 -4.14
N LEU A 343 6.11 -18.04 -5.03
CA LEU A 343 6.95 -17.12 -5.80
C LEU A 343 7.71 -16.14 -4.89
N ALA A 344 7.01 -15.57 -3.90
CA ALA A 344 7.69 -14.65 -2.97
C ALA A 344 8.80 -15.35 -2.17
N LYS A 345 8.55 -16.56 -1.74
CA LYS A 345 9.53 -17.34 -0.99
C LYS A 345 10.73 -17.68 -1.86
N LYS A 346 10.47 -18.11 -3.09
CA LYS A 346 11.51 -18.36 -4.06
C LYS A 346 12.33 -17.13 -4.31
N ALA A 347 11.68 -15.97 -4.27
CA ALA A 347 12.35 -14.70 -4.49
C ALA A 347 13.08 -14.20 -3.25
N HIS A 348 13.12 -15.03 -2.21
CA HIS A 348 13.79 -14.70 -0.97
C HIS A 348 13.13 -13.64 -0.10
N PHE A 349 11.81 -13.49 -0.19
CA PHE A 349 11.09 -12.63 0.78
C PHE A 349 10.97 -13.44 2.06
N ASP A 350 10.93 -12.74 3.20
CA ASP A 350 10.83 -13.33 4.52
C ASP A 350 9.39 -13.34 5.02
N VAL A 351 8.56 -12.38 4.59
CA VAL A 351 7.19 -12.35 5.02
C VAL A 351 6.31 -11.80 3.93
N PHE A 352 5.04 -12.19 3.98
CA PHE A 352 4.11 -11.77 2.98
C PHE A 352 2.89 -11.13 3.66
N ASN A 353 2.78 -9.82 3.48
CA ASN A 353 1.84 -9.02 4.25
C ASN A 353 0.60 -8.82 3.38
N ALA A 354 -0.57 -8.81 4.00
CA ALA A 354 -1.81 -8.47 3.33
C ALA A 354 -2.79 -7.93 4.32
N LEU A 355 -3.84 -7.28 3.78
CA LEU A 355 -4.93 -6.73 4.62
C LEU A 355 -6.22 -7.54 4.32
N THR A 356 -7.31 -7.25 5.00
CA THR A 356 -8.58 -8.04 4.84
C THR A 356 -9.48 -7.45 3.76
N LEU A 357 -8.93 -6.50 2.97
CA LEU A 357 -9.66 -5.85 1.81
C LEU A 357 -9.70 -6.82 0.61
N HIS A 358 -10.30 -6.38 -0.50
CA HIS A 358 -10.53 -7.21 -1.69
C HIS A 358 -11.35 -8.49 -1.29
N ASP A 359 -11.03 -9.65 -1.89
CA ASP A 359 -11.64 -10.89 -1.41
C ASP A 359 -10.65 -11.62 -0.51
N ASN A 360 -9.73 -10.90 0.11
CA ASN A 360 -8.64 -11.51 0.95
C ASN A 360 -9.19 -12.40 2.08
N PRO A 361 -10.34 -12.05 2.69
CA PRO A 361 -10.83 -12.97 3.69
C PRO A 361 -11.10 -14.37 3.16
N LEU A 362 -11.23 -14.56 1.83
CA LEU A 362 -11.43 -15.91 1.28
C LEU A 362 -10.18 -16.81 1.52
N PHE A 363 -9.00 -16.22 1.69
CA PHE A 363 -7.83 -17.10 1.72
C PHE A 363 -6.77 -16.83 2.85
N LEU A 364 -6.83 -15.67 3.48
CA LEU A 364 -5.77 -15.32 4.49
C LEU A 364 -5.55 -16.40 5.49
N GLU A 365 -6.62 -16.85 6.16
CA GLU A 365 -6.40 -17.77 7.24
C GLU A 365 -5.95 -19.16 6.78
N GLN A 366 -6.56 -19.64 5.71
CA GLN A 366 -6.30 -20.98 5.24
C GLN A 366 -4.86 -21.08 4.69
N LEU A 367 -4.35 -19.99 4.09
CA LEU A 367 -2.97 -19.98 3.63
C LEU A 367 -1.98 -19.59 4.71
N LYS A 368 -2.45 -19.56 5.96
CA LYS A 368 -1.60 -19.43 7.15
C LYS A 368 -1.00 -18.03 7.24
N PHE A 369 -1.75 -17.02 6.76
CA PHE A 369 -1.45 -15.65 7.22
C PHE A 369 -1.83 -15.52 8.69
N GLY A 370 -0.89 -15.05 9.51
CA GLY A 370 -1.14 -14.78 10.94
C GLY A 370 -1.80 -13.41 11.12
N ALA A 371 -2.80 -13.36 12.00
CA ALA A 371 -3.50 -12.06 12.30
C ALA A 371 -2.54 -11.20 13.02
N GLY A 372 -2.44 -9.96 12.59
CA GLY A 372 -1.56 -8.99 13.19
C GLY A 372 -2.41 -8.13 14.16
N ASP A 373 -1.74 -7.17 14.79
CA ASP A 373 -2.30 -6.29 15.81
C ASP A 373 -3.07 -5.08 15.24
N GLY A 374 -4.38 -5.01 15.52
CA GLY A 374 -5.16 -3.76 15.28
C GLY A 374 -5.60 -3.61 13.84
N GLN A 375 -5.78 -2.35 13.37
CA GLN A 375 -6.44 -2.13 12.10
C GLN A 375 -5.77 -0.98 11.38
N LEU A 376 -5.72 -1.05 10.05
CA LEU A 376 -5.41 0.09 9.21
C LEU A 376 -6.75 0.72 8.82
N HIS A 377 -6.85 2.03 9.00
CA HIS A 377 -8.12 2.64 8.71
C HIS A 377 -8.00 3.39 7.38
N PHE A 378 -9.10 3.43 6.62
CA PHE A 378 -9.15 4.14 5.34
C PHE A 378 -10.03 5.37 5.63
N TYR A 379 -9.61 6.49 5.08
CA TYR A 379 -10.34 7.70 5.21
C TYR A 379 -10.52 8.37 3.89
N LEU A 380 -11.58 9.17 3.80
CA LEU A 380 -11.74 10.06 2.67
C LEU A 380 -11.78 11.46 3.24
N TYR A 381 -11.17 12.38 2.53
CA TYR A 381 -11.22 13.73 2.93
C TYR A 381 -12.23 14.45 2.05
N ASN A 382 -13.14 15.17 2.72
CA ASN A 382 -14.13 16.03 2.09
C ASN A 382 -15.10 15.20 1.25
N TYR A 383 -15.40 14.01 1.71
CA TYR A 383 -16.39 13.19 1.03
C TYR A 383 -17.06 12.33 2.04
N ARG A 384 -18.37 12.36 2.05
CA ARG A 384 -19.13 11.64 3.04
C ARG A 384 -19.76 10.45 2.31
N THR A 385 -19.66 9.24 2.86
CA THR A 385 -20.41 8.09 2.33
C THR A 385 -20.54 7.14 3.50
N ALA A 386 -21.53 6.25 3.45
CA ALA A 386 -21.67 5.19 4.45
C ALA A 386 -20.37 4.37 4.52
N PRO A 387 -19.98 3.96 5.72
CA PRO A 387 -18.83 3.08 5.86
C PRO A 387 -19.01 1.88 4.96
N VAL A 388 -17.88 1.34 4.56
CA VAL A 388 -17.85 0.28 3.61
C VAL A 388 -17.18 -0.93 4.32
N PRO A 389 -17.70 -2.14 4.12
CA PRO A 389 -17.19 -3.31 4.85
C PRO A 389 -15.72 -3.51 4.56
N GLY A 390 -14.96 -3.87 5.57
CA GLY A 390 -13.48 -3.87 5.43
C GLY A 390 -12.90 -5.29 5.49
N GLY A 391 -13.74 -6.32 5.29
CA GLY A 391 -13.26 -7.72 5.32
C GLY A 391 -13.27 -8.39 6.69
N VAL A 392 -13.64 -7.62 7.70
CA VAL A 392 -13.76 -8.14 9.05
C VAL A 392 -15.14 -7.90 9.66
N ASN A 393 -15.49 -8.72 10.63
CA ASN A 393 -16.73 -8.53 11.40
C ASN A 393 -16.39 -7.59 12.54
N GLU A 394 -17.35 -7.33 13.46
CA GLU A 394 -17.14 -6.41 14.57
C GLU A 394 -16.01 -6.92 15.55
N LYS A 395 -15.75 -8.22 15.56
CA LYS A 395 -14.67 -8.78 16.39
C LYS A 395 -13.33 -8.70 15.69
N ASN A 396 -13.23 -7.98 14.56
CA ASN A 396 -11.99 -7.85 13.79
C ASN A 396 -11.50 -9.20 13.28
N LEU A 397 -12.40 -10.11 12.96
CA LEU A 397 -12.04 -11.36 12.36
C LEU A 397 -12.46 -11.35 10.92
N PRO A 398 -11.71 -12.05 10.06
CA PRO A 398 -11.98 -12.00 8.61
C PRO A 398 -13.35 -12.61 8.43
N ASP A 399 -14.15 -12.03 7.57
CA ASP A 399 -15.53 -12.50 7.43
C ASP A 399 -15.94 -12.41 5.93
N GLU A 400 -16.33 -13.53 5.34
CA GLU A 400 -16.64 -13.57 3.90
C GLU A 400 -17.88 -12.81 3.56
N LYS A 401 -18.73 -12.52 4.55
CA LYS A 401 -19.91 -11.64 4.38
C LYS A 401 -19.66 -10.16 4.53
N ARG A 402 -18.42 -9.78 4.80
CA ARG A 402 -18.02 -8.39 4.99
C ARG A 402 -16.94 -7.97 3.95
N MET A 403 -17.03 -8.53 2.76
CA MET A 403 -16.14 -8.12 1.70
C MET A 403 -16.99 -7.28 0.75
N GLY A 404 -16.55 -7.14 -0.49
CA GLY A 404 -17.26 -6.24 -1.46
C GLY A 404 -17.17 -4.79 -1.13
N GLY A 405 -16.28 -4.41 -0.21
CA GLY A 405 -16.29 -3.02 0.28
C GLY A 405 -15.09 -2.28 -0.20
N VAL A 406 -13.91 -2.81 0.13
CA VAL A 406 -12.66 -2.07 -0.14
C VAL A 406 -11.92 -2.66 -1.35
N GLY A 407 -11.94 -1.96 -2.48
CA GLY A 407 -11.45 -2.47 -3.77
C GLY A 407 -10.31 -1.56 -4.15
N ILE A 408 -9.59 -1.04 -3.14
CA ILE A 408 -8.41 -0.20 -3.39
C ILE A 408 -7.35 -0.58 -2.35
N VAL A 409 -6.09 -0.73 -2.74
N VAL A 409 -6.08 -0.64 -2.74
CA VAL A 409 -5.05 -0.88 -1.72
CA VAL A 409 -4.99 -0.94 -1.80
C VAL A 409 -4.14 0.29 -1.95
C VAL A 409 -3.96 0.14 -1.98
N MET A 410 -3.49 0.71 -0.88
CA MET A 410 -2.52 1.75 -0.95
C MET A 410 -1.19 1.22 -0.37
N LEU A 411 -0.09 1.68 -0.97
CA LEU A 411 1.25 1.24 -0.60
C LEU A 411 1.59 1.50 0.88
#